data_5C9F
#
_entry.id   5C9F
#
_cell.length_a   50.102
_cell.length_b   94.153
_cell.length_c   118.636
_cell.angle_alpha   90.00
_cell.angle_beta   90.00
_cell.angle_gamma   90.00
#
_symmetry.space_group_name_H-M   'P 21 21 21'
#
loop_
_entity.id
_entity.type
_entity.pdbx_description
1 polymer 'ApRick protease'
2 non-polymer 'CHLORIDE ION'
3 non-polymer 'SODIUM ION'
4 water water
#
_entity_poly.entity_id   1
_entity_poly.type   'polypeptide(L)'
_entity_poly.pdbx_seq_one_letter_code
;MYKWSTEVGEIIIARNRDGHFYINAFVNNVKIKFMVDTGASDIALTKEDAQKLGFDLTKLKYTRTYLTANGENKAAPITL
NSVVIGKEFKNIKGHVGLGDLDISLLGMSLLERFKGFRIDKDLLILNYAAALEHHHHHH
;
_entity_poly.pdbx_strand_id   A,B,C,D
#
loop_
_chem_comp.id
_chem_comp.type
_chem_comp.name
_chem_comp.formula
CL non-polymer 'CHLORIDE ION' 'Cl -1'
NA non-polymer 'SODIUM ION' 'Na 1'
#
# COMPACT_ATOMS: atom_id res chain seq x y z
N MET A 1 -14.62 -16.88 3.80
CA MET A 1 -13.57 -15.97 3.33
C MET A 1 -13.47 -14.72 4.16
N TYR A 2 -12.24 -14.27 4.37
CA TYR A 2 -12.00 -12.93 4.79
C TYR A 2 -11.38 -12.16 3.64
N LYS A 3 -11.86 -10.93 3.48
CA LYS A 3 -11.31 -10.00 2.51
C LYS A 3 -11.15 -8.63 3.16
N TRP A 4 -10.01 -8.00 2.91
CA TRP A 4 -9.74 -6.71 3.44
C TRP A 4 -8.91 -5.97 2.41
N SER A 5 -9.18 -4.70 2.19
CA SER A 5 -8.32 -3.92 1.30
C SER A 5 -8.18 -2.47 1.73
N THR A 6 -7.04 -1.89 1.35
CA THR A 6 -6.68 -0.50 1.63
C THR A 6 -6.33 0.20 0.32
N GLU A 7 -6.83 1.40 0.12
CA GLU A 7 -6.34 2.27 -0.96
C GLU A 7 -5.13 3.10 -0.49
N VAL A 8 -3.97 2.93 -1.14
CA VAL A 8 -2.72 3.65 -0.78
C VAL A 8 -2.49 4.59 -1.93
N GLY A 9 -2.46 5.86 -1.62
CA GLY A 9 -2.48 6.88 -2.69
C GLY A 9 -1.52 8.02 -2.46
N GLU A 10 -1.25 8.77 -3.53
CA GLU A 10 -0.44 9.95 -3.46
C GLU A 10 -1.03 11.08 -4.28
N ILE A 11 -0.81 12.30 -3.79
CA ILE A 11 -1.11 13.51 -4.51
C ILE A 11 0.19 14.30 -4.62
N ILE A 12 0.48 14.75 -5.84
CA ILE A 12 1.68 15.55 -6.11
C ILE A 12 1.26 16.86 -6.72
N ILE A 13 1.73 17.96 -6.14
CA ILE A 13 1.33 19.29 -6.54
C ILE A 13 2.55 20.10 -6.82
N ALA A 14 2.57 20.76 -8.00
CA ALA A 14 3.69 21.60 -8.35
C ALA A 14 3.46 23.01 -7.79
N ARG A 15 4.54 23.61 -7.29
CA ARG A 15 4.48 24.93 -6.73
C ARG A 15 3.98 25.90 -7.84
N ASN A 16 3.06 26.78 -7.49
CA ASN A 16 2.58 27.78 -8.39
C ASN A 16 3.74 28.79 -8.65
N ARG A 17 3.73 29.45 -9.80
CA ARG A 17 4.76 30.46 -10.12
C ARG A 17 4.74 31.59 -9.08
N ASP A 18 3.62 31.76 -8.39
CA ASP A 18 3.54 32.77 -7.32
C ASP A 18 4.21 32.33 -5.98
N GLY A 19 4.84 31.15 -5.95
CA GLY A 19 5.58 30.66 -4.81
C GLY A 19 4.81 29.79 -3.84
N HIS A 20 3.47 29.67 -4.03
CA HIS A 20 2.59 28.92 -3.13
C HIS A 20 2.12 27.60 -3.72
N PHE A 21 1.75 26.67 -2.84
CA PHE A 21 1.10 25.48 -3.24
C PHE A 21 -0.39 25.62 -3.03
N TYR A 22 -1.16 25.20 -4.04
CA TYR A 22 -2.60 25.18 -3.92
C TYR A 22 -3.11 23.77 -4.08
N ILE A 23 -4.21 23.48 -3.37
CA ILE A 23 -4.86 22.17 -3.45
C ILE A 23 -6.38 22.34 -3.46
N ASN A 24 -7.01 21.63 -4.36
CA ASN A 24 -8.46 21.58 -4.48
C ASN A 24 -8.95 20.41 -3.63
N ALA A 25 -9.88 20.70 -2.76
CA ALA A 25 -10.46 19.70 -1.93
C ALA A 25 -11.95 19.72 -2.18
N PHE A 26 -12.62 18.63 -1.87
CA PHE A 26 -14.05 18.60 -1.82
C PHE A 26 -14.51 18.61 -0.38
N VAL A 27 -15.14 19.73 -0.02
CA VAL A 27 -15.59 19.97 1.39
C VAL A 27 -17.11 19.87 1.34
N ASN A 28 -17.66 18.86 2.04
CA ASN A 28 -19.09 18.58 2.02
C ASN A 28 -19.60 18.56 0.58
N ASN A 29 -18.87 17.85 -0.27
CA ASN A 29 -19.25 17.67 -1.67
C ASN A 29 -18.96 18.88 -2.57
N VAL A 30 -18.34 19.95 -2.08
CA VAL A 30 -18.11 21.18 -2.85
C VAL A 30 -16.62 21.41 -3.05
N LYS A 31 -16.24 21.67 -4.28
CA LYS A 31 -14.85 21.94 -4.59
C LYS A 31 -14.43 23.26 -4.00
N ILE A 32 -13.37 23.24 -3.19
CA ILE A 32 -12.84 24.46 -2.60
C ILE A 32 -11.35 24.47 -2.91
N LYS A 33 -10.83 25.63 -3.27
CA LYS A 33 -9.42 25.83 -3.50
C LYS A 33 -8.75 26.37 -2.25
N PHE A 34 -7.74 25.66 -1.77
CA PHE A 34 -6.97 26.08 -0.61
C PHE A 34 -5.56 26.40 -0.98
N MET A 35 -5.00 27.38 -0.29
CA MET A 35 -3.58 27.59 -0.27
C MET A 35 -3.01 26.83 0.94
N VAL A 36 -1.96 26.05 0.71
CA VAL A 36 -1.23 25.39 1.83
C VAL A 36 -0.43 26.43 2.64
N ASP A 37 -0.62 26.42 3.96
CA ASP A 37 0.05 27.35 4.89
C ASP A 37 0.51 26.56 6.12
N THR A 38 1.80 26.20 6.16
CA THR A 38 2.42 25.43 7.28
C THR A 38 2.45 26.25 8.58
N GLY A 39 2.29 27.57 8.46
CA GLY A 39 2.09 28.50 9.54
C GLY A 39 0.66 28.74 9.97
N ALA A 40 -0.31 28.01 9.42
CA ALA A 40 -1.67 27.86 9.98
C ALA A 40 -1.90 26.55 10.74
N SER A 41 -2.89 26.55 11.64
CA SER A 41 -3.23 25.34 12.36
C SER A 41 -4.47 24.74 11.71
N ASP A 42 -5.65 25.24 12.10
CA ASP A 42 -6.93 24.73 11.54
C ASP A 42 -7.17 25.40 10.22
N ILE A 43 -8.15 24.88 9.49
CA ILE A 43 -8.52 25.49 8.22
C ILE A 43 -9.07 26.88 8.42
N ALA A 44 -8.64 27.79 7.56
CA ALA A 44 -9.20 29.14 7.55
C ALA A 44 -10.01 29.34 6.28
N LEU A 45 -11.31 29.51 6.41
CA LEU A 45 -12.16 29.69 5.25
C LEU A 45 -12.45 31.17 5.00
N THR A 46 -12.44 31.58 3.75
CA THR A 46 -12.90 32.90 3.41
C THR A 46 -14.38 32.96 3.71
N LYS A 47 -14.86 34.17 3.93
CA LYS A 47 -16.32 34.37 4.03
C LYS A 47 -17.07 33.84 2.81
N GLU A 48 -16.55 34.08 1.62
CA GLU A 48 -17.24 33.57 0.42
C GLU A 48 -17.28 32.01 0.37
N ASP A 49 -16.19 31.33 0.66
CA ASP A 49 -16.20 29.84 0.74
C ASP A 49 -17.15 29.34 1.84
N ALA A 50 -17.18 30.02 2.99
CA ALA A 50 -18.11 29.62 4.04
C ALA A 50 -19.55 29.71 3.54
N GLN A 51 -19.85 30.78 2.80
CA GLN A 51 -21.19 30.93 2.22
C GLN A 51 -21.48 29.87 1.13
N LYS A 52 -20.52 29.56 0.27
CA LYS A 52 -20.66 28.40 -0.65
C LYS A 52 -20.99 27.09 0.06
N LEU A 53 -20.47 26.92 1.29
CA LEU A 53 -20.71 25.72 2.03
C LEU A 53 -21.99 25.81 2.87
N GLY A 54 -22.75 26.88 2.71
CA GLY A 54 -24.09 27.01 3.34
C GLY A 54 -24.02 27.56 4.75
N PHE A 55 -22.87 28.08 5.19
CA PHE A 55 -22.81 28.73 6.48
C PHE A 55 -23.52 30.09 6.42
N ASP A 56 -24.33 30.37 7.43
CA ASP A 56 -25.02 31.67 7.53
C ASP A 56 -24.17 32.52 8.40
N LEU A 57 -23.51 33.49 7.77
CA LEU A 57 -22.45 34.23 8.49
C LEU A 57 -23.05 35.03 9.65
N THR A 58 -24.32 35.41 9.55
CA THR A 58 -24.97 36.14 10.65
C THR A 58 -25.25 35.27 11.88
N LYS A 59 -25.35 33.95 11.73
CA LYS A 59 -25.62 33.02 12.85
C LYS A 59 -24.35 32.58 13.54
N LEU A 60 -23.23 32.67 12.84
CA LEU A 60 -21.96 32.23 13.42
C LEU A 60 -21.65 33.17 14.57
N LYS A 61 -21.07 32.65 15.61
CA LYS A 61 -20.63 33.51 16.69
C LYS A 61 -19.09 33.61 16.57
N TYR A 62 -18.61 34.84 16.48
CA TYR A 62 -17.20 35.13 16.27
C TYR A 62 -16.54 35.24 17.64
N THR A 63 -16.38 34.08 18.26
CA THR A 63 -15.87 34.03 19.62
C THR A 63 -14.36 33.86 19.70
N ARG A 64 -13.71 33.52 18.58
CA ARG A 64 -12.29 33.19 18.59
C ARG A 64 -11.46 34.36 18.05
N THR A 65 -10.20 34.40 18.47
CA THR A 65 -9.25 35.39 18.03
C THR A 65 -7.97 34.72 17.54
N TYR A 66 -7.62 35.00 16.30
CA TYR A 66 -6.41 34.49 15.70
C TYR A 66 -5.39 35.62 15.68
N LEU A 67 -4.13 35.27 15.99
CA LEU A 67 -2.98 36.20 16.00
C LEU A 67 -2.26 36.03 14.67
N THR A 68 -2.52 36.94 13.71
CA THR A 68 -2.03 36.81 12.33
C THR A 68 -0.83 37.71 12.08
N ALA A 69 -0.45 37.82 10.81
CA ALA A 69 0.63 38.70 10.35
C ALA A 69 0.21 40.18 10.53
N ASN A 70 -1.04 40.47 10.18
CA ASN A 70 -1.68 41.78 10.47
C ASN A 70 -2.15 41.89 11.93
N GLY A 71 -1.76 40.92 12.75
CA GLY A 71 -2.21 40.83 14.14
C GLY A 71 -3.61 40.25 14.32
N GLU A 72 -4.23 40.64 15.43
CA GLU A 72 -5.43 39.99 15.97
C GLU A 72 -6.64 40.08 15.10
N ASN A 73 -7.18 38.95 14.66
CA ASN A 73 -8.49 38.96 13.96
C ASN A 73 -9.51 38.10 14.62
N LYS A 74 -10.76 38.52 14.52
CA LYS A 74 -11.88 37.70 15.05
C LYS A 74 -12.29 36.60 14.04
N ALA A 75 -12.66 35.46 14.57
CA ALA A 75 -13.18 34.34 13.79
C ALA A 75 -14.26 33.50 14.49
N ALA A 76 -15.10 32.86 13.70
CA ALA A 76 -16.10 31.92 14.19
C ALA A 76 -15.58 30.52 13.93
N PRO A 77 -15.53 29.70 14.99
CA PRO A 77 -15.12 28.31 14.80
C PRO A 77 -16.20 27.51 14.10
N ILE A 78 -15.82 26.58 13.22
CA ILE A 78 -16.73 25.69 12.55
C ILE A 78 -16.12 24.31 12.52
N THR A 79 -16.95 23.33 12.19
CA THR A 79 -16.49 21.97 11.91
C THR A 79 -16.97 21.52 10.53
N LEU A 80 -16.06 20.99 9.74
CA LEU A 80 -16.35 20.58 8.40
C LEU A 80 -16.62 19.07 8.42
N ASN A 81 -17.83 18.69 8.09
CA ASN A 81 -18.23 17.29 8.17
C ASN A 81 -17.33 16.41 7.34
N SER A 82 -17.04 16.83 6.13
CA SER A 82 -16.25 16.01 5.22
C SER A 82 -15.29 16.86 4.35
N VAL A 83 -14.04 16.48 4.38
CA VAL A 83 -12.98 17.09 3.57
C VAL A 83 -12.26 15.97 2.84
N VAL A 84 -12.39 15.94 1.52
CA VAL A 84 -11.78 14.91 0.71
C VAL A 84 -10.62 15.54 -0.05
N ILE A 85 -9.45 15.02 0.24
CA ILE A 85 -8.21 15.28 -0.53
C ILE A 85 -7.52 13.90 -0.66
N GLY A 86 -7.82 13.16 -1.71
CA GLY A 86 -7.42 11.77 -1.81
C GLY A 86 -8.30 10.91 -0.92
N LYS A 87 -8.07 10.97 0.38
CA LYS A 87 -9.00 10.30 1.28
C LYS A 87 -9.93 11.29 1.93
N GLU A 88 -10.97 10.73 2.55
CA GLU A 88 -11.98 11.51 3.22
C GLU A 88 -11.59 11.71 4.66
N PHE A 89 -11.50 12.97 5.11
CA PHE A 89 -11.30 13.26 6.50
C PHE A 89 -12.60 13.80 7.05
N LYS A 90 -12.88 13.47 8.33
CA LYS A 90 -14.16 13.78 8.93
C LYS A 90 -14.01 14.75 10.09
N ASN A 91 -14.99 15.62 10.21
CA ASN A 91 -15.10 16.59 11.30
C ASN A 91 -13.83 17.35 11.55
N ILE A 92 -13.43 18.10 10.52
CA ILE A 92 -12.22 18.81 10.48
C ILE A 92 -12.49 20.23 10.96
N LYS A 93 -11.61 20.67 11.84
CA LYS A 93 -11.76 21.99 12.48
C LYS A 93 -11.44 23.09 11.50
N GLY A 94 -12.19 24.17 11.59
CA GLY A 94 -11.89 25.38 10.83
C GLY A 94 -12.45 26.58 11.50
N HIS A 95 -12.27 27.72 10.87
CA HIS A 95 -12.88 28.91 11.35
C HIS A 95 -13.06 29.85 10.17
N VAL A 96 -13.99 30.78 10.32
CA VAL A 96 -14.19 31.82 9.31
C VAL A 96 -13.96 33.20 9.86
N GLY A 97 -13.11 33.94 9.16
CA GLY A 97 -12.77 35.29 9.53
C GLY A 97 -13.86 36.28 9.07
N LEU A 98 -13.64 37.56 9.35
CA LEU A 98 -14.59 38.65 9.00
C LEU A 98 -14.23 39.29 7.69
N GLY A 99 -13.06 38.96 7.17
CA GLY A 99 -12.76 39.46 5.85
C GLY A 99 -11.32 39.65 5.50
N ASP A 100 -10.41 39.33 6.42
CA ASP A 100 -8.99 39.52 6.11
C ASP A 100 -8.45 38.59 5.01
N LEU A 101 -9.29 37.80 4.31
CA LEU A 101 -8.78 36.59 3.64
C LEU A 101 -9.04 36.42 2.13
N ASP A 102 -7.96 36.43 1.35
CA ASP A 102 -8.06 36.24 -0.13
C ASP A 102 -8.35 34.82 -0.58
N ILE A 103 -7.76 33.86 0.10
CA ILE A 103 -8.00 32.47 -0.27
C ILE A 103 -7.98 31.62 0.97
N SER A 104 -8.83 30.58 0.98
CA SER A 104 -8.89 29.73 2.12
C SER A 104 -7.58 29.02 2.33
N LEU A 105 -7.30 28.68 3.58
CA LEU A 105 -6.04 28.12 3.98
C LEU A 105 -6.22 26.76 4.54
N LEU A 106 -5.35 25.87 4.13
CA LEU A 106 -5.25 24.56 4.72
C LEU A 106 -3.98 24.55 5.54
N GLY A 107 -4.10 24.13 6.77
CA GLY A 107 -2.99 24.25 7.73
C GLY A 107 -2.50 22.91 8.22
N MET A 108 -1.64 22.97 9.23
CA MET A 108 -0.95 21.78 9.71
C MET A 108 -1.86 20.83 10.38
N SER A 109 -2.94 21.31 11.01
CA SER A 109 -3.82 20.30 11.71
C SER A 109 -4.40 19.26 10.73
N LEU A 110 -4.78 19.68 9.51
CA LEU A 110 -5.22 18.70 8.51
C LEU A 110 -3.99 17.97 7.87
N LEU A 111 -2.95 18.72 7.53
CA LEU A 111 -1.82 18.15 6.79
C LEU A 111 -1.09 17.06 7.57
N GLU A 112 -1.06 17.22 8.91
CA GLU A 112 -0.46 16.25 9.81
C GLU A 112 -1.17 14.96 9.85
N ARG A 113 -2.41 14.92 9.43
CA ARG A 113 -3.14 13.68 9.45
C ARG A 113 -2.78 12.74 8.29
N PHE A 114 -2.15 13.26 7.24
CA PHE A 114 -1.70 12.37 6.15
C PHE A 114 -0.56 11.44 6.61
N LYS A 115 -0.55 10.22 6.08
CA LYS A 115 0.54 9.28 6.38
C LYS A 115 1.89 9.91 6.04
N GLY A 116 1.93 10.64 4.91
CA GLY A 116 3.14 11.34 4.48
C GLY A 116 2.81 12.76 3.96
N PHE A 117 3.65 13.72 4.28
CA PHE A 117 3.53 15.08 3.79
C PHE A 117 4.94 15.64 3.59
N ARG A 118 5.33 15.92 2.36
CA ARG A 118 6.69 16.41 2.13
C ARG A 118 6.72 17.50 1.08
N ILE A 119 7.55 18.49 1.30
CA ILE A 119 7.71 19.55 0.32
C ILE A 119 9.17 19.46 -0.11
N ASP A 120 9.41 19.20 -1.38
CA ASP A 120 10.74 18.98 -1.96
C ASP A 120 10.94 19.65 -3.36
N LYS A 121 11.87 20.58 -3.52
CA LYS A 121 12.19 21.11 -4.88
C LYS A 121 10.96 21.49 -5.75
N ASP A 122 10.11 22.39 -5.25
CA ASP A 122 8.92 22.91 -5.95
C ASP A 122 7.80 21.89 -6.07
N LEU A 123 7.86 20.82 -5.26
CA LEU A 123 6.79 19.80 -5.22
C LEU A 123 6.30 19.54 -3.82
N LEU A 124 4.98 19.38 -3.71
CA LEU A 124 4.36 18.99 -2.45
C LEU A 124 3.81 17.61 -2.70
N ILE A 125 4.14 16.67 -1.80
CA ILE A 125 3.76 15.28 -1.97
C ILE A 125 2.99 14.83 -0.72
N LEU A 126 1.74 14.46 -0.94
CA LEU A 126 0.89 13.89 0.14
C LEU A 126 0.70 12.39 -0.15
N ASN A 127 0.95 11.56 0.85
CA ASN A 127 0.69 10.14 0.81
C ASN A 127 -0.36 9.80 1.84
N TYR A 128 -1.31 8.94 1.47
CA TYR A 128 -2.38 8.52 2.36
C TYR A 128 -2.69 7.05 2.23
N ALA A 129 -3.38 6.54 3.23
CA ALA A 129 -3.95 5.19 3.17
C ALA A 129 -5.34 5.21 3.78
N ALA A 130 -6.31 4.69 3.05
CA ALA A 130 -7.70 4.67 3.47
C ALA A 130 -8.21 3.23 3.47
N ALA A 131 -8.89 2.79 4.52
CA ALA A 131 -9.53 1.45 4.52
C ALA A 131 -10.59 1.36 3.44
N LEU A 132 -10.77 0.17 2.83
CA LEU A 132 -11.63 -0.10 1.65
C LEU A 132 -11.19 0.76 0.44
N MET B 1 -2.06 18.91 -9.96
CA MET B 1 -2.46 17.80 -9.10
C MET B 1 -2.24 16.53 -9.92
N TYR B 2 -1.19 15.77 -9.62
CA TYR B 2 -1.05 14.37 -10.10
C TYR B 2 -1.53 13.51 -8.95
N LYS B 3 -2.37 12.57 -9.26
CA LYS B 3 -2.89 11.67 -8.31
C LYS B 3 -2.75 10.24 -8.84
N TRP B 4 -2.33 9.35 -7.97
CA TRP B 4 -2.20 7.92 -8.30
C TRP B 4 -2.64 7.19 -7.06
N SER B 5 -3.28 6.05 -7.22
CA SER B 5 -3.47 5.16 -6.09
C SER B 5 -3.44 3.67 -6.44
N THR B 6 -3.07 2.88 -5.44
CA THR B 6 -3.01 1.41 -5.52
C THR B 6 -3.92 0.84 -4.43
N GLU B 7 -4.74 -0.12 -4.78
CA GLU B 7 -5.48 -0.91 -3.79
C GLU B 7 -4.64 -2.15 -3.38
N VAL B 8 -4.31 -2.27 -2.08
CA VAL B 8 -3.52 -3.35 -1.54
C VAL B 8 -4.46 -4.17 -0.69
N GLY B 9 -4.59 -5.43 -1.01
CA GLY B 9 -5.59 -6.26 -0.36
C GLY B 9 -5.14 -7.69 -0.07
N GLU B 10 -5.93 -8.37 0.75
CA GLU B 10 -5.70 -9.76 1.10
C GLU B 10 -7.01 -10.50 1.15
N ILE B 11 -6.92 -11.78 0.80
CA ILE B 11 -7.99 -12.73 0.97
C ILE B 11 -7.47 -13.95 1.76
N ILE B 12 -8.18 -14.30 2.81
CA ILE B 12 -7.75 -15.37 3.71
C ILE B 12 -8.87 -16.37 3.70
N ILE B 13 -8.52 -17.63 3.44
CA ILE B 13 -9.51 -18.68 3.37
C ILE B 13 -9.10 -19.81 4.28
N ALA B 14 -10.04 -20.23 5.13
CA ALA B 14 -9.80 -21.32 6.04
C ALA B 14 -10.09 -22.64 5.31
N ARG B 15 -9.23 -23.61 5.55
CA ARG B 15 -9.42 -24.92 4.97
C ARG B 15 -10.76 -25.47 5.42
N ASN B 16 -11.50 -26.04 4.50
CA ASN B 16 -12.76 -26.65 4.80
C ASN B 16 -12.50 -27.91 5.61
N ARG B 17 -13.45 -28.35 6.43
CA ARG B 17 -13.27 -29.60 7.18
C ARG B 17 -13.06 -30.80 6.26
N ASP B 18 -13.51 -30.70 5.01
CA ASP B 18 -13.28 -31.75 4.03
C ASP B 18 -11.84 -31.80 3.46
N GLY B 19 -10.97 -30.95 3.96
CA GLY B 19 -9.57 -30.95 3.56
C GLY B 19 -9.21 -30.01 2.44
N HIS B 20 -10.20 -29.40 1.78
CA HIS B 20 -9.96 -28.53 0.61
C HIS B 20 -10.14 -27.05 0.91
N PHE B 21 -9.56 -26.22 0.05
CA PHE B 21 -9.84 -24.79 0.05
C PHE B 21 -10.81 -24.47 -1.06
N TYR B 22 -11.83 -23.68 -0.72
CA TYR B 22 -12.77 -23.14 -1.70
C TYR B 22 -12.67 -21.60 -1.76
N ILE B 23 -12.81 -21.05 -2.97
CA ILE B 23 -12.79 -19.59 -3.20
C ILE B 23 -13.91 -19.16 -4.14
N ASN B 24 -14.61 -18.13 -3.75
CA ASN B 24 -15.60 -17.51 -4.58
C ASN B 24 -14.91 -16.45 -5.45
N ALA B 25 -15.11 -16.53 -6.76
CA ALA B 25 -14.62 -15.52 -7.69
C ALA B 25 -15.77 -14.99 -8.52
N PHE B 26 -15.63 -13.78 -9.01
CA PHE B 26 -16.61 -13.23 -9.94
C PHE B 26 -16.01 -13.33 -11.33
N VAL B 27 -16.63 -14.19 -12.14
CA VAL B 27 -16.23 -14.43 -13.50
C VAL B 27 -17.23 -13.77 -14.41
N ASN B 28 -16.77 -12.77 -15.14
CA ASN B 28 -17.66 -11.93 -15.98
C ASN B 28 -18.91 -11.54 -15.18
N ASN B 29 -18.69 -11.05 -13.98
CA ASN B 29 -19.72 -10.57 -13.07
C ASN B 29 -20.55 -11.64 -12.39
N VAL B 30 -20.22 -12.89 -12.56
CA VAL B 30 -21.01 -13.97 -11.97
C VAL B 30 -20.20 -14.66 -10.90
N LYS B 31 -20.79 -14.79 -9.74
CA LYS B 31 -20.12 -15.42 -8.62
C LYS B 31 -20.05 -16.91 -8.90
N ILE B 32 -18.85 -17.44 -8.86
CA ILE B 32 -18.60 -18.88 -9.15
C ILE B 32 -17.79 -19.37 -7.96
N LYS B 33 -18.10 -20.56 -7.50
CA LYS B 33 -17.35 -21.20 -6.41
C LYS B 33 -16.34 -22.18 -6.97
N PHE B 34 -15.08 -21.96 -6.63
CA PHE B 34 -14.01 -22.81 -7.09
C PHE B 34 -13.41 -23.62 -5.94
N MET B 35 -12.97 -24.82 -6.24
CA MET B 35 -12.04 -25.55 -5.38
C MET B 35 -10.62 -25.25 -5.88
N VAL B 36 -9.75 -24.92 -4.97
CA VAL B 36 -8.33 -24.72 -5.28
C VAL B 36 -7.71 -26.07 -5.56
N ASP B 37 -6.98 -26.16 -6.67
CA ASP B 37 -6.28 -27.41 -7.03
C ASP B 37 -4.89 -26.97 -7.48
N THR B 38 -3.88 -27.18 -6.62
CA THR B 38 -2.48 -26.88 -6.94
C THR B 38 -1.92 -27.78 -8.05
N GLY B 39 -2.56 -28.92 -8.30
CA GLY B 39 -2.25 -29.78 -9.43
C GLY B 39 -2.82 -29.32 -10.76
N ALA B 40 -3.74 -28.35 -10.77
CA ALA B 40 -4.29 -27.79 -12.01
C ALA B 40 -3.46 -26.61 -12.48
N SER B 41 -3.45 -26.37 -13.78
CA SER B 41 -2.74 -25.22 -14.31
C SER B 41 -3.82 -24.15 -14.56
N ASP B 42 -4.56 -24.27 -15.65
CA ASP B 42 -5.61 -23.33 -16.03
C ASP B 42 -6.87 -23.65 -15.20
N ILE B 43 -7.89 -22.81 -15.35
CA ILE B 43 -9.19 -23.05 -14.73
C ILE B 43 -9.95 -24.18 -15.41
N ALA B 44 -10.54 -25.04 -14.60
CA ALA B 44 -11.44 -26.04 -15.13
C ALA B 44 -12.89 -25.67 -14.70
N LEU B 45 -13.75 -25.32 -15.66
CA LEU B 45 -15.18 -25.04 -15.38
C LEU B 45 -16.10 -26.25 -15.59
N THR B 46 -17.03 -26.46 -14.68
CA THR B 46 -18.07 -27.41 -14.94
C THR B 46 -18.91 -26.95 -16.13
N LYS B 47 -19.60 -27.88 -16.75
CA LYS B 47 -20.61 -27.50 -17.80
C LYS B 47 -21.67 -26.57 -17.25
N GLU B 48 -22.13 -26.83 -16.05
CA GLU B 48 -23.14 -25.94 -15.42
C GLU B 48 -22.62 -24.53 -15.21
N ASP B 49 -21.41 -24.38 -14.66
CA ASP B 49 -20.83 -23.02 -14.56
C ASP B 49 -20.64 -22.37 -15.91
N ALA B 50 -20.21 -23.14 -16.92
CA ALA B 50 -20.05 -22.59 -18.25
C ALA B 50 -21.41 -22.00 -18.73
N GLN B 51 -22.49 -22.72 -18.47
CA GLN B 51 -23.83 -22.26 -18.85
C GLN B 51 -24.22 -21.03 -18.10
N LYS B 52 -23.95 -21.00 -16.79
CA LYS B 52 -24.18 -19.76 -16.03
C LYS B 52 -23.50 -18.53 -16.65
N LEU B 53 -22.38 -18.75 -17.31
CA LEU B 53 -21.62 -17.70 -17.92
CA LEU B 53 -21.61 -17.69 -17.93
C LEU B 53 -22.09 -17.40 -19.34
N GLY B 54 -23.14 -18.07 -19.77
CA GLY B 54 -23.73 -17.87 -21.08
C GLY B 54 -23.06 -18.66 -22.18
N PHE B 55 -22.14 -19.58 -21.86
CA PHE B 55 -21.54 -20.41 -22.93
C PHE B 55 -22.63 -21.35 -23.46
N ASP B 56 -22.68 -21.49 -24.77
CA ASP B 56 -23.55 -22.45 -25.40
C ASP B 56 -22.79 -23.79 -25.48
N LEU B 57 -23.26 -24.79 -24.72
CA LEU B 57 -22.54 -26.09 -24.61
CA LEU B 57 -22.56 -26.07 -24.62
C LEU B 57 -22.49 -26.79 -25.95
N THR B 58 -23.45 -26.52 -26.83
CA THR B 58 -23.45 -27.17 -28.15
C THR B 58 -22.40 -26.58 -29.11
N LYS B 59 -21.92 -25.36 -28.84
CA LYS B 59 -20.91 -24.71 -29.70
C LYS B 59 -19.48 -24.99 -29.26
N LEU B 60 -19.29 -25.44 -28.04
CA LEU B 60 -17.94 -25.73 -27.56
C LEU B 60 -17.28 -26.81 -28.38
N LYS B 61 -15.98 -26.72 -28.66
CA LYS B 61 -15.29 -27.80 -29.40
C LYS B 61 -14.32 -28.51 -28.47
N TYR B 62 -14.53 -29.80 -28.32
CA TYR B 62 -13.79 -30.58 -27.34
C TYR B 62 -12.56 -31.21 -27.94
N THR B 63 -11.44 -30.49 -27.90
CA THR B 63 -10.24 -30.87 -28.65
C THR B 63 -9.16 -31.63 -27.81
N ARG B 64 -7.89 -31.76 -28.30
CA ARG B 64 -6.76 -32.56 -27.71
C ARG B 64 -6.93 -34.06 -27.76
N ASN B 73 -7.67 -37.11 -22.20
CA ASN B 73 -9.05 -36.66 -22.42
C ASN B 73 -9.16 -35.32 -23.11
N LYS B 74 -10.27 -35.15 -23.82
CA LYS B 74 -10.58 -33.87 -24.47
C LYS B 74 -11.28 -32.95 -23.46
N ALA B 75 -11.06 -31.66 -23.58
CA ALA B 75 -11.87 -30.65 -22.89
C ALA B 75 -12.06 -29.62 -23.99
N ALA B 76 -12.94 -28.63 -23.78
CA ALA B 76 -13.04 -27.47 -24.69
C ALA B 76 -12.31 -26.29 -24.07
N PRO B 77 -11.29 -25.75 -24.74
CA PRO B 77 -10.60 -24.57 -24.21
C PRO B 77 -11.50 -23.37 -24.31
N ILE B 78 -11.39 -22.48 -23.33
CA ILE B 78 -12.12 -21.20 -23.33
C ILE B 78 -11.22 -20.14 -22.74
N THR B 79 -11.64 -18.91 -22.92
CA THR B 79 -11.00 -17.76 -22.33
C THR B 79 -12.02 -16.96 -21.57
N LEU B 80 -11.68 -16.60 -20.36
CA LEU B 80 -12.60 -15.84 -19.53
C LEU B 80 -12.16 -14.37 -19.58
N ASN B 81 -13.08 -13.50 -20.01
CA ASN B 81 -12.76 -12.09 -20.13
C ASN B 81 -12.30 -11.51 -18.83
N SER B 82 -13.03 -11.79 -17.74
CA SER B 82 -12.71 -11.19 -16.47
C SER B 82 -12.90 -12.18 -15.32
N VAL B 83 -11.87 -12.33 -14.50
CA VAL B 83 -11.93 -13.11 -13.27
C VAL B 83 -11.50 -12.16 -12.16
N VAL B 84 -12.42 -11.86 -11.24
CA VAL B 84 -12.12 -11.00 -10.09
C VAL B 84 -12.08 -11.84 -8.83
N ILE B 85 -10.92 -11.82 -8.19
CA ILE B 85 -10.70 -12.38 -6.84
C ILE B 85 -9.87 -11.33 -6.12
N GLY B 86 -10.54 -10.39 -5.48
CA GLY B 86 -9.82 -9.23 -4.96
C GLY B 86 -9.47 -8.27 -6.09
N LYS B 87 -8.49 -8.61 -6.90
CA LYS B 87 -8.26 -7.82 -8.09
C LYS B 87 -8.77 -8.54 -9.31
N GLU B 88 -8.85 -7.77 -10.39
CA GLU B 88 -9.34 -8.25 -11.65
C GLU B 88 -8.22 -8.80 -12.48
N PHE B 89 -8.36 -10.04 -12.93
CA PHE B 89 -7.49 -10.65 -13.94
C PHE B 89 -8.26 -10.73 -15.29
N LYS B 90 -7.55 -10.52 -16.39
CA LYS B 90 -8.17 -10.46 -17.70
C LYS B 90 -7.72 -11.61 -18.59
N ASN B 91 -8.64 -12.07 -19.43
CA ASN B 91 -8.40 -13.11 -20.42
C ASN B 91 -7.66 -14.31 -19.86
N ILE B 92 -8.30 -14.98 -18.93
CA ILE B 92 -7.74 -16.08 -18.21
C ILE B 92 -8.16 -17.35 -18.96
N LYS B 93 -7.17 -18.23 -19.11
CA LYS B 93 -7.33 -19.51 -19.76
C LYS B 93 -8.09 -20.50 -18.91
N GLY B 94 -8.97 -21.25 -19.56
CA GLY B 94 -9.73 -22.26 -18.88
C GLY B 94 -10.13 -23.31 -19.87
N HIS B 95 -10.82 -24.31 -19.38
CA HIS B 95 -11.41 -25.28 -20.25
C HIS B 95 -12.65 -25.81 -19.60
N VAL B 96 -13.49 -26.43 -20.41
CA VAL B 96 -14.64 -27.14 -19.95
C VAL B 96 -14.44 -28.62 -20.17
N GLY B 97 -14.46 -29.38 -19.08
CA GLY B 97 -14.35 -30.82 -19.20
C GLY B 97 -15.70 -31.43 -19.64
N LEU B 98 -15.61 -32.64 -20.19
CA LEU B 98 -16.78 -33.43 -20.74
C LEU B 98 -16.98 -34.64 -19.88
N GLY B 99 -15.84 -35.25 -19.55
CA GLY B 99 -15.70 -36.05 -18.37
C GLY B 99 -16.30 -35.17 -17.29
N ASP B 100 -16.93 -35.77 -16.30
CA ASP B 100 -17.63 -34.97 -15.35
C ASP B 100 -16.63 -34.15 -14.58
N LEU B 101 -17.12 -33.04 -14.07
CA LEU B 101 -16.46 -32.29 -13.01
C LEU B 101 -17.47 -31.82 -11.92
N ASP B 102 -17.23 -32.18 -10.65
CA ASP B 102 -18.18 -31.79 -9.58
C ASP B 102 -18.14 -30.28 -9.25
N ILE B 103 -16.96 -29.69 -9.23
CA ILE B 103 -16.81 -28.27 -8.84
C ILE B 103 -15.72 -27.69 -9.66
N SER B 104 -15.93 -26.46 -10.08
CA SER B 104 -14.95 -25.85 -10.91
C SER B 104 -13.67 -25.70 -10.14
N LEU B 105 -12.56 -25.72 -10.85
CA LEU B 105 -11.23 -25.73 -10.25
C LEU B 105 -10.46 -24.49 -10.62
N LEU B 106 -9.82 -23.90 -9.63
CA LEU B 106 -8.88 -22.82 -9.83
C LEU B 106 -7.47 -23.40 -9.65
N GLY B 107 -6.61 -23.17 -10.61
CA GLY B 107 -5.29 -23.76 -10.57
C GLY B 107 -4.16 -22.76 -10.38
N MET B 108 -2.95 -23.26 -10.55
CA MET B 108 -1.73 -22.50 -10.29
C MET B 108 -1.51 -21.36 -11.26
N SER B 109 -1.97 -21.48 -12.51
CA SER B 109 -1.71 -20.39 -13.43
C SER B 109 -2.29 -19.10 -12.89
N LEU B 110 -3.52 -19.14 -12.35
CA LEU B 110 -4.17 -17.93 -11.86
C LEU B 110 -3.57 -17.57 -10.50
N LEU B 111 -3.42 -18.56 -9.62
CA LEU B 111 -2.87 -18.33 -8.27
C LEU B 111 -1.48 -17.68 -8.25
N GLU B 112 -0.64 -18.06 -9.20
CA GLU B 112 0.71 -17.54 -9.31
C GLU B 112 0.75 -16.08 -9.68
N ARG B 113 -0.32 -15.56 -10.27
CA ARG B 113 -0.37 -14.15 -10.68
C ARG B 113 -0.48 -13.19 -9.45
N PHE B 114 -0.88 -13.70 -8.28
CA PHE B 114 -0.96 -12.89 -7.06
C PHE B 114 0.41 -12.49 -6.52
N LYS B 115 0.51 -11.27 -6.01
CA LYS B 115 1.74 -10.82 -5.40
C LYS B 115 2.22 -11.80 -4.32
N GLY B 116 1.28 -12.28 -3.52
CA GLY B 116 1.54 -13.29 -2.50
C GLY B 116 0.52 -14.39 -2.52
N PHE B 117 0.99 -15.62 -2.37
CA PHE B 117 0.13 -16.79 -2.35
C PHE B 117 0.79 -17.76 -1.38
N ARG B 118 0.12 -18.10 -0.30
CA ARG B 118 0.72 -18.97 0.69
C ARG B 118 -0.33 -19.91 1.28
N ILE B 119 -0.03 -21.20 1.36
CA ILE B 119 -0.90 -22.13 2.08
C ILE B 119 -0.11 -22.46 3.33
N ASP B 120 -0.59 -21.99 4.48
CA ASP B 120 0.26 -21.94 5.66
C ASP B 120 -0.10 -23.12 6.50
N LYS B 121 -1.20 -23.03 7.24
CA LYS B 121 -1.57 -24.12 8.13
C LYS B 121 -2.79 -24.83 7.51
N ASP B 122 -3.95 -24.43 8.00
CA ASP B 122 -5.21 -24.65 7.44
C ASP B 122 -5.68 -23.31 6.89
N LEU B 123 -4.75 -22.47 6.43
CA LEU B 123 -5.09 -21.20 5.82
C LEU B 123 -4.46 -21.04 4.44
N LEU B 124 -5.21 -20.42 3.56
CA LEU B 124 -4.72 -19.99 2.27
C LEU B 124 -4.78 -18.46 2.30
N ILE B 125 -3.67 -17.81 1.98
CA ILE B 125 -3.57 -16.36 2.06
C ILE B 125 -3.11 -15.83 0.72
N LEU B 126 -3.90 -14.93 0.16
CA LEU B 126 -3.61 -14.31 -1.10
C LEU B 126 -3.46 -12.81 -0.85
N ASN B 127 -2.35 -12.26 -1.32
CA ASN B 127 -2.08 -10.81 -1.23
C ASN B 127 -1.95 -10.27 -2.63
N TYR B 128 -2.57 -9.11 -2.85
CA TYR B 128 -2.57 -8.50 -4.18
C TYR B 128 -2.36 -7.00 -4.08
N ALA B 129 -1.93 -6.43 -5.18
CA ALA B 129 -1.93 -4.99 -5.37
C ALA B 129 -2.43 -4.65 -6.78
N ALA B 130 -3.40 -3.79 -6.87
CA ALA B 130 -4.02 -3.39 -8.14
C ALA B 130 -3.84 -1.90 -8.30
N ALA B 131 -3.35 -1.46 -9.47
CA ALA B 131 -3.34 -0.02 -9.81
C ALA B 131 -4.76 0.50 -9.84
N LEU B 132 -4.95 1.78 -9.53
CA LEU B 132 -6.24 2.41 -9.75
C LEU B 132 -5.98 3.60 -10.61
N MET C 1 1.74 -16.71 14.51
CA MET C 1 1.85 -15.36 13.92
C MET C 1 2.23 -15.57 12.48
N TYR C 2 1.28 -15.36 11.57
CA TYR C 2 1.61 -15.18 10.18
C TYR C 2 1.62 -13.67 9.98
N LYS C 3 2.64 -13.18 9.32
CA LYS C 3 2.81 -11.78 9.08
C LYS C 3 3.19 -11.57 7.64
N TRP C 4 2.52 -10.62 7.01
CA TRP C 4 2.80 -10.30 5.63
C TRP C 4 2.74 -8.79 5.46
N SER C 5 3.65 -8.22 4.69
CA SER C 5 3.56 -6.82 4.36
C SER C 5 4.07 -6.48 2.96
N THR C 6 3.49 -5.45 2.38
CA THR C 6 3.86 -4.95 1.04
C THR C 6 4.38 -3.52 1.17
N GLU C 7 5.50 -3.24 0.55
CA GLU C 7 5.98 -1.89 0.42
C GLU C 7 5.37 -1.29 -0.86
N VAL C 8 4.60 -0.20 -0.72
CA VAL C 8 4.04 0.56 -1.84
C VAL C 8 4.79 1.86 -1.87
N GLY C 9 5.47 2.10 -2.98
CA GLY C 9 6.39 3.22 -3.04
C GLY C 9 6.24 4.02 -4.31
N GLU C 10 6.86 5.20 -4.29
CA GLU C 10 6.99 6.03 -5.47
C GLU C 10 8.37 6.64 -5.59
N ILE C 11 8.81 6.82 -6.83
CA ILE C 11 10.00 7.61 -7.14
C ILE C 11 9.55 8.73 -8.10
N ILE C 12 9.94 9.95 -7.79
CA ILE C 12 9.59 11.13 -8.59
C ILE C 12 10.90 11.75 -9.01
N ILE C 13 11.04 11.98 -10.31
CA ILE C 13 12.24 12.56 -10.87
C ILE C 13 11.86 13.77 -11.69
N ALA C 14 12.55 14.88 -11.42
CA ALA C 14 12.32 16.11 -12.13
C ALA C 14 13.18 16.11 -13.39
N ARG C 15 12.61 16.60 -14.48
CA ARG C 15 13.31 16.68 -15.72
C ARG C 15 14.57 17.50 -15.54
N ASN C 16 15.67 17.05 -16.11
CA ASN C 16 16.91 17.82 -16.11
C ASN C 16 16.73 19.07 -17.03
N ARG C 17 17.49 20.15 -16.79
CA ARG C 17 17.38 21.32 -17.61
C ARG C 17 17.73 20.98 -19.05
N ASP C 18 18.51 19.92 -19.26
CA ASP C 18 18.89 19.51 -20.62
C ASP C 18 17.74 18.79 -21.36
N GLY C 19 16.58 18.67 -20.73
CA GLY C 19 15.40 18.07 -21.36
C GLY C 19 15.20 16.60 -21.08
N HIS C 20 16.19 15.91 -20.47
CA HIS C 20 16.11 14.47 -20.21
C HIS C 20 15.84 14.11 -18.77
N PHE C 21 15.37 12.89 -18.56
CA PHE C 21 15.23 12.37 -17.22
C PHE C 21 16.33 11.37 -16.97
N TYR C 22 16.93 11.49 -15.79
CA TYR C 22 17.94 10.58 -15.36
C TYR C 22 17.54 9.87 -14.07
N ILE C 23 17.98 8.64 -13.94
CA ILE C 23 17.71 7.84 -12.76
C ILE C 23 18.91 6.97 -12.39
N ASN C 24 19.22 6.95 -11.11
CA ASN C 24 20.24 6.05 -10.53
C ASN C 24 19.62 4.74 -10.07
N ALA C 25 20.20 3.63 -10.51
CA ALA C 25 19.73 2.32 -10.15
C ALA C 25 20.91 1.56 -9.59
N PHE C 26 20.63 0.56 -8.77
CA PHE C 26 21.64 -0.38 -8.33
C PHE C 26 21.48 -1.64 -9.13
N VAL C 27 22.47 -1.88 -9.98
CA VAL C 27 22.51 -3.02 -10.86
C VAL C 27 23.55 -3.97 -10.27
N ASN C 28 23.11 -5.15 -9.85
CA ASN C 28 23.96 -6.12 -9.16
C ASN C 28 24.79 -5.44 -8.06
N ASN C 29 24.11 -4.63 -7.25
CA ASN C 29 24.69 -3.84 -6.18
C ASN C 29 25.58 -2.71 -6.57
N VAL C 30 25.65 -2.35 -7.83
CA VAL C 30 26.49 -1.25 -8.26
C VAL C 30 25.63 -0.08 -8.76
N LYS C 31 25.99 1.14 -8.33
CA LYS C 31 25.16 2.28 -8.69
C LYS C 31 25.49 2.60 -10.12
N ILE C 32 24.47 2.64 -10.96
CA ILE C 32 24.63 3.01 -12.36
C ILE C 32 23.64 4.14 -12.67
N LYS C 33 24.07 5.13 -13.44
CA LYS C 33 23.21 6.25 -13.85
C LYS C 33 22.65 5.98 -15.22
N PHE C 34 21.35 6.06 -15.34
CA PHE C 34 20.63 5.85 -16.59
C PHE C 34 19.94 7.12 -17.07
N MET C 35 19.90 7.30 -18.37
CA MET C 35 18.94 8.19 -19.00
C MET C 35 17.72 7.38 -19.42
N VAL C 36 16.55 7.87 -19.08
CA VAL C 36 15.31 7.30 -19.53
C VAL C 36 15.13 7.53 -21.04
N ASP C 37 14.83 6.47 -21.78
CA ASP C 37 14.61 6.56 -23.25
C ASP C 37 13.41 5.71 -23.61
N THR C 38 12.28 6.37 -23.95
CA THR C 38 11.05 5.68 -24.31
C THR C 38 11.12 4.99 -25.67
N GLY C 39 12.15 5.35 -26.45
CA GLY C 39 12.50 4.69 -27.73
C GLY C 39 13.36 3.46 -27.60
N ALA C 40 13.86 3.16 -26.39
CA ALA C 40 14.58 1.93 -26.11
C ALA C 40 13.62 0.85 -25.59
N SER C 41 13.88 -0.40 -25.94
CA SER C 41 13.11 -1.49 -25.39
C SER C 41 13.85 -2.00 -24.17
N ASP C 42 14.94 -2.70 -24.41
CA ASP C 42 15.77 -3.21 -23.35
C ASP C 42 16.79 -2.16 -22.91
N ILE C 43 17.48 -2.45 -21.83
CA ILE C 43 18.53 -1.55 -21.32
C ILE C 43 19.71 -1.55 -22.27
N ALA C 44 20.26 -0.36 -22.49
CA ALA C 44 21.52 -0.22 -23.24
C ALA C 44 22.64 0.24 -22.31
N LEU C 45 23.62 -0.63 -22.06
CA LEU C 45 24.73 -0.26 -21.16
C LEU C 45 25.89 0.28 -21.93
N THR C 46 26.52 1.33 -21.43
CA THR C 46 27.81 1.73 -21.97
C THR C 46 28.85 0.63 -21.70
N LYS C 47 29.89 0.58 -22.51
CA LYS C 47 30.98 -0.35 -22.24
C LYS C 47 31.60 -0.17 -20.85
N GLU C 48 31.77 1.09 -20.45
CA GLU C 48 32.33 1.41 -19.13
C GLU C 48 31.43 0.86 -17.96
N ASP C 49 30.11 1.05 -18.06
CA ASP C 49 29.17 0.46 -17.10
C ASP C 49 29.18 -1.09 -17.13
N ALA C 50 29.25 -1.69 -18.32
CA ALA C 50 29.36 -3.14 -18.41
C ALA C 50 30.61 -3.64 -17.67
N GLN C 51 31.72 -2.93 -17.83
CA GLN C 51 32.94 -3.29 -17.14
C GLN C 51 32.83 -3.09 -15.63
N LYS C 52 32.19 -2.00 -15.19
CA LYS C 52 31.92 -1.83 -13.75
C LYS C 52 31.15 -2.99 -13.16
N LEU C 53 30.29 -3.59 -13.98
CA LEU C 53 29.48 -4.73 -13.55
C LEU C 53 30.23 -6.07 -13.67
N GLY C 54 31.49 -6.03 -14.10
CA GLY C 54 32.31 -7.25 -14.21
C GLY C 54 32.10 -8.03 -15.50
N PHE C 55 31.45 -7.46 -16.52
CA PHE C 55 31.39 -8.13 -17.82
C PHE C 55 32.75 -8.09 -18.50
N ASP C 56 33.15 -9.22 -19.09
CA ASP C 56 34.36 -9.30 -19.90
C ASP C 56 33.97 -9.02 -21.34
N LEU C 57 34.33 -7.84 -21.82
CA LEU C 57 33.84 -7.36 -23.12
C LEU C 57 34.33 -8.26 -24.24
N THR C 58 35.51 -8.87 -24.05
CA THR C 58 36.08 -9.73 -25.09
C THR C 58 35.35 -11.08 -25.24
N LYS C 59 34.64 -11.51 -24.20
CA LYS C 59 33.89 -12.79 -24.24
C LYS C 59 32.48 -12.63 -24.78
N LEU C 60 31.94 -11.42 -24.73
CA LEU C 60 30.55 -11.20 -25.14
C LEU C 60 30.44 -11.51 -26.64
N LYS C 61 29.31 -12.06 -27.07
CA LYS C 61 29.06 -12.25 -28.51
C LYS C 61 28.09 -11.16 -29.01
N TYR C 62 28.48 -10.43 -30.05
CA TYR C 62 27.74 -9.27 -30.54
C TYR C 62 26.74 -9.67 -31.63
N THR C 63 25.55 -10.13 -31.24
CA THR C 63 24.55 -10.72 -32.15
C THR C 63 23.19 -9.91 -32.29
N ARG C 64 23.06 -8.82 -31.55
CA ARG C 64 21.79 -8.08 -31.45
C ARG C 64 21.91 -6.74 -32.16
N THR C 65 21.38 -6.65 -33.38
CA THR C 65 21.35 -5.37 -34.14
C THR C 65 20.66 -4.25 -33.37
N TYR C 66 21.38 -3.15 -33.18
CA TYR C 66 20.87 -2.01 -32.47
C TYR C 66 21.04 -0.67 -33.21
N LEU C 67 21.59 -0.70 -34.43
CA LEU C 67 21.77 0.52 -35.26
C LEU C 67 21.46 0.20 -36.72
N THR C 68 20.98 1.18 -37.46
CA THR C 68 20.69 1.00 -38.93
C THR C 68 21.86 1.29 -39.85
N ALA C 69 23.01 1.64 -39.26
CA ALA C 69 24.24 1.88 -40.02
C ALA C 69 24.79 0.54 -40.52
N ASN C 70 25.40 0.53 -41.70
CA ASN C 70 26.24 -0.59 -42.13
C ASN C 70 27.44 -0.64 -41.15
N GLY C 71 28.27 -1.67 -41.24
CA GLY C 71 29.48 -1.75 -40.41
C GLY C 71 29.14 -2.01 -38.94
N GLU C 72 29.53 -1.07 -38.07
CA GLU C 72 29.26 -1.10 -36.60
C GLU C 72 27.76 -1.20 -36.32
N ASN C 73 27.32 -2.34 -35.79
CA ASN C 73 25.92 -2.76 -35.94
C ASN C 73 25.22 -3.50 -34.80
N LYS C 74 25.97 -4.37 -34.13
CA LYS C 74 25.44 -5.33 -33.18
C LYS C 74 26.04 -5.17 -31.79
N ALA C 75 25.15 -5.30 -30.86
CA ALA C 75 25.41 -5.19 -29.47
C ALA C 75 25.37 -6.62 -28.98
N ALA C 76 25.92 -6.82 -27.79
CA ALA C 76 25.89 -8.13 -27.15
C ALA C 76 24.76 -8.10 -26.15
N PRO C 77 23.79 -9.02 -26.27
CA PRO C 77 22.73 -9.12 -25.31
C PRO C 77 23.28 -9.65 -23.98
N ILE C 78 22.74 -9.15 -22.89
CA ILE C 78 23.12 -9.58 -21.57
C ILE C 78 21.86 -9.64 -20.80
N THR C 79 21.96 -10.26 -19.65
CA THR C 79 20.89 -10.29 -18.72
C THR C 79 21.43 -9.77 -17.39
N LEU C 80 20.71 -8.85 -16.80
CA LEU C 80 21.15 -8.26 -15.53
C LEU C 80 20.44 -8.97 -14.39
N ASN C 81 21.21 -9.61 -13.51
CA ASN C 81 20.61 -10.42 -12.49
C ASN C 81 19.67 -9.64 -11.62
N SER C 82 20.10 -8.44 -11.22
CA SER C 82 19.32 -7.63 -10.33
C SER C 82 19.42 -6.14 -10.71
N VAL C 83 18.27 -5.50 -10.84
CA VAL C 83 18.14 -4.04 -11.03
C VAL C 83 17.20 -3.51 -10.00
N VAL C 84 17.72 -2.63 -9.10
CA VAL C 84 16.93 -2.10 -8.03
C VAL C 84 16.71 -0.61 -8.29
N ILE C 85 15.43 -0.28 -8.48
CA ILE C 85 14.96 1.11 -8.57
C ILE C 85 13.68 1.12 -7.73
N GLY C 86 13.81 1.41 -6.44
CA GLY C 86 12.70 1.24 -5.51
C GLY C 86 12.52 -0.23 -5.19
N LYS C 87 12.01 -1.00 -6.12
CA LYS C 87 12.00 -2.44 -5.92
C LYS C 87 13.04 -3.11 -6.77
N GLU C 88 13.28 -4.38 -6.43
CA GLU C 88 14.19 -5.20 -7.16
C GLU C 88 13.53 -5.92 -8.34
N PHE C 89 14.07 -5.73 -9.54
CA PHE C 89 13.68 -6.49 -10.69
C PHE C 89 14.76 -7.49 -11.01
N LYS C 90 14.35 -8.65 -11.49
CA LYS C 90 15.26 -9.71 -11.75
C LYS C 90 15.38 -10.04 -13.22
N ASN C 91 16.59 -10.44 -13.64
CA ASN C 91 16.90 -10.94 -14.96
C ASN C 91 16.36 -10.03 -16.05
N ILE C 92 16.90 -8.81 -16.05
CA ILE C 92 16.46 -7.74 -16.95
C ILE C 92 17.33 -7.77 -18.18
N LYS C 93 16.66 -7.68 -19.32
CA LYS C 93 17.33 -7.74 -20.60
C LYS C 93 18.05 -6.47 -20.89
N GLY C 94 19.22 -6.61 -21.46
CA GLY C 94 20.00 -5.48 -21.86
C GLY C 94 20.91 -5.85 -22.98
N HIS C 95 21.67 -4.87 -23.44
CA HIS C 95 22.72 -5.17 -24.37
C HIS C 95 23.84 -4.17 -24.14
N VAL C 96 25.02 -4.55 -24.59
CA VAL C 96 26.12 -3.62 -24.57
C VAL C 96 26.55 -3.35 -25.98
N GLY C 97 26.57 -2.05 -26.25
CA GLY C 97 27.02 -1.57 -27.52
C GLY C 97 28.49 -1.37 -27.53
N LEU C 98 28.85 -0.65 -28.57
CA LEU C 98 30.15 -0.77 -29.14
C LEU C 98 31.04 0.37 -28.70
N GLY C 99 30.47 1.39 -28.07
CA GLY C 99 31.30 2.40 -27.38
C GLY C 99 30.90 3.83 -27.65
N ASP C 100 29.94 4.00 -28.56
CA ASP C 100 29.44 5.33 -28.94
C ASP C 100 28.40 5.81 -27.91
N LEU C 101 28.12 4.98 -26.90
CA LEU C 101 27.06 5.31 -26.00
C LEU C 101 27.56 6.20 -24.86
N ASP C 102 27.04 7.42 -24.79
CA ASP C 102 27.46 8.38 -23.77
C ASP C 102 26.96 8.03 -22.38
N ILE C 103 25.74 7.54 -22.29
CA ILE C 103 25.15 7.21 -21.01
C ILE C 103 24.19 6.02 -21.19
N SER C 104 24.17 5.16 -20.20
CA SER C 104 23.36 3.96 -20.29
C SER C 104 21.91 4.40 -20.37
N LEU C 105 21.12 3.59 -21.04
CA LEU C 105 19.73 3.86 -21.27
C LEU C 105 18.81 2.86 -20.61
N LEU C 106 17.77 3.36 -19.98
CA LEU C 106 16.72 2.57 -19.42
C LEU C 106 15.52 2.72 -20.32
N GLY C 107 14.96 1.59 -20.77
CA GLY C 107 13.94 1.64 -21.80
C GLY C 107 12.59 1.17 -21.29
N MET C 108 11.69 0.97 -22.23
CA MET C 108 10.33 0.61 -21.97
C MET C 108 10.16 -0.77 -21.39
N SER C 109 11.01 -1.72 -21.73
CA SER C 109 10.84 -3.07 -21.17
C SER C 109 10.92 -3.07 -19.65
N LEU C 110 11.87 -2.35 -19.08
CA LEU C 110 11.93 -2.26 -17.60
C LEU C 110 10.83 -1.34 -17.04
N LEU C 111 10.62 -0.21 -17.68
CA LEU C 111 9.63 0.75 -17.20
C LEU C 111 8.22 0.17 -17.12
N GLU C 112 7.86 -0.66 -18.07
CA GLU C 112 6.57 -1.29 -18.16
C GLU C 112 6.35 -2.33 -17.07
N ARG C 113 7.38 -2.74 -16.38
CA ARG C 113 7.20 -3.59 -15.22
C ARG C 113 6.84 -2.92 -13.90
N PHE C 114 6.94 -1.60 -13.82
CA PHE C 114 6.42 -0.87 -12.68
C PHE C 114 4.90 -0.92 -12.67
N LYS C 115 4.31 -1.00 -11.49
CA LYS C 115 2.84 -0.92 -11.37
C LYS C 115 2.36 0.31 -12.10
N GLY C 116 3.10 1.39 -11.96
CA GLY C 116 2.74 2.67 -12.58
C GLY C 116 3.98 3.38 -13.09
N PHE C 117 3.84 3.97 -14.26
CA PHE C 117 4.93 4.74 -14.86
C PHE C 117 4.22 5.91 -15.57
N ARG C 118 4.58 7.16 -15.27
CA ARG C 118 3.98 8.29 -15.94
C ARG C 118 5.00 9.41 -16.15
N ILE C 119 5.05 9.97 -17.36
CA ILE C 119 5.80 11.19 -17.57
C ILE C 119 4.78 12.26 -17.76
N ASP C 120 4.79 13.25 -16.88
CA ASP C 120 3.80 14.31 -16.90
C ASP C 120 4.62 15.58 -17.01
N LYS C 121 4.74 16.08 -18.24
CA LYS C 121 5.53 17.29 -18.50
C LYS C 121 6.92 17.19 -17.94
N ASP C 122 7.16 17.94 -16.87
CA ASP C 122 8.52 18.02 -16.28
C ASP C 122 8.80 17.02 -15.16
N LEU C 123 7.90 16.06 -14.95
CA LEU C 123 8.10 14.99 -13.94
C LEU C 123 7.95 13.58 -14.50
N LEU C 124 8.75 12.65 -13.96
CA LEU C 124 8.59 11.24 -14.21
C LEU C 124 8.23 10.58 -12.87
N ILE C 125 7.15 9.81 -12.86
CA ILE C 125 6.64 9.25 -11.65
C ILE C 125 6.58 7.73 -11.83
N LEU C 126 7.25 7.03 -10.94
CA LEU C 126 7.23 5.59 -10.93
C LEU C 126 6.60 5.12 -9.63
N ASN C 127 5.60 4.24 -9.74
CA ASN C 127 4.91 3.65 -8.61
C ASN C 127 5.15 2.17 -8.63
N TYR C 128 5.48 1.61 -7.46
CA TYR C 128 5.75 0.17 -7.35
C TYR C 128 5.14 -0.43 -6.10
N ALA C 129 5.00 -1.74 -6.11
CA ALA C 129 4.63 -2.51 -4.95
C ALA C 129 5.51 -3.76 -4.89
N ALA C 130 6.17 -3.96 -3.76
CA ALA C 130 7.09 -5.11 -3.54
C ALA C 130 6.63 -5.89 -2.32
N ALA C 131 6.63 -7.22 -2.38
CA ALA C 131 6.45 -8.04 -1.16
C ALA C 131 7.56 -7.71 -0.15
N LEU C 132 7.25 -7.73 1.15
CA LEU C 132 8.13 -7.34 2.29
C LEU C 132 8.57 -5.86 2.17
N MET D 1 15.90 12.66 -7.16
CA MET D 1 15.17 11.42 -6.79
C MET D 1 14.50 11.72 -5.49
N TYR D 2 13.18 11.89 -5.53
CA TYR D 2 12.39 11.81 -4.33
C TYR D 2 11.84 10.39 -4.27
N LYS D 3 11.92 9.79 -3.12
CA LYS D 3 11.42 8.46 -2.87
C LYS D 3 10.61 8.42 -1.58
N TRP D 4 9.48 7.74 -1.63
CA TRP D 4 8.63 7.55 -0.48
C TRP D 4 8.02 6.16 -0.52
N SER D 5 7.79 5.54 0.61
CA SER D 5 7.03 4.29 0.63
C SER D 5 6.22 4.06 1.92
N THR D 6 5.14 3.29 1.81
CA THR D 6 4.23 2.88 2.90
C THR D 6 4.28 1.38 2.99
N GLU D 7 4.42 0.87 4.19
CA GLU D 7 4.26 -0.54 4.43
C GLU D 7 2.81 -0.85 4.78
N VAL D 8 2.19 -1.74 4.02
CA VAL D 8 0.83 -2.17 4.27
C VAL D 8 0.94 -3.61 4.68
N GLY D 9 0.44 -3.91 5.85
CA GLY D 9 0.68 -5.21 6.43
C GLY D 9 -0.52 -5.84 7.08
N GLU D 10 -0.37 -7.13 7.34
CA GLU D 10 -1.35 -7.89 8.12
C GLU D 10 -0.66 -8.85 9.06
N ILE D 11 -1.32 -9.07 10.20
CA ILE D 11 -0.89 -10.11 11.17
C ILE D 11 -2.08 -11.00 11.40
N ILE D 12 -1.86 -12.29 11.28
CA ILE D 12 -2.92 -13.28 11.40
C ILE D 12 -2.46 -14.22 12.49
N ILE D 13 -3.31 -14.39 13.48
CA ILE D 13 -3.04 -15.24 14.61
C ILE D 13 -4.11 -16.26 14.76
N ALA D 14 -3.71 -17.52 14.83
CA ALA D 14 -4.63 -18.62 15.02
C ALA D 14 -4.94 -18.76 16.50
N ARG D 15 -6.22 -19.02 16.81
CA ARG D 15 -6.63 -19.21 18.18
C ARG D 15 -5.86 -20.40 18.78
N ASN D 16 -5.39 -20.23 19.99
CA ASN D 16 -4.71 -21.27 20.70
CA ASN D 16 -4.70 -21.27 20.74
C ASN D 16 -5.72 -22.36 21.08
N ARG D 17 -5.24 -23.59 21.23
CA ARG D 17 -6.11 -24.70 21.62
C ARG D 17 -6.79 -24.40 22.95
N ASP D 18 -6.19 -23.53 23.77
CA ASP D 18 -6.81 -23.14 25.05
C ASP D 18 -7.99 -22.12 24.91
N GLY D 19 -8.33 -21.74 23.68
CA GLY D 19 -9.45 -20.85 23.42
C GLY D 19 -9.07 -19.38 23.31
N HIS D 20 -7.81 -19.01 23.64
CA HIS D 20 -7.34 -17.59 23.65
C HIS D 20 -6.45 -17.28 22.46
N PHE D 21 -6.34 -15.99 22.16
CA PHE D 21 -5.36 -15.53 21.23
C PHE D 21 -4.17 -14.97 21.98
N TYR D 22 -2.98 -15.30 21.51
CA TYR D 22 -1.72 -14.70 21.99
C TYR D 22 -0.97 -13.96 20.89
N ILE D 23 -0.35 -12.86 21.27
CA ILE D 23 0.44 -12.01 20.33
C ILE D 23 1.72 -11.58 20.98
N ASN D 24 2.82 -11.70 20.24
CA ASN D 24 4.11 -11.14 20.67
C ASN D 24 4.25 -9.72 20.18
N ALA D 25 4.59 -8.83 21.09
CA ALA D 25 4.81 -7.46 20.73
C ALA D 25 6.18 -7.05 21.22
N PHE D 26 6.76 -6.03 20.61
CA PHE D 26 7.98 -5.42 21.14
C PHE D 26 7.59 -4.13 21.81
N VAL D 27 7.75 -4.12 23.11
CA VAL D 27 7.38 -3.02 23.92
C VAL D 27 8.71 -2.38 24.46
N ASN D 28 8.93 -1.13 24.10
CA ASN D 28 10.21 -0.43 24.32
C ASN D 28 11.36 -1.35 24.00
N ASN D 29 11.30 -1.98 22.83
CA ASN D 29 12.34 -2.88 22.32
C ASN D 29 12.50 -4.18 22.97
N VAL D 30 11.55 -4.55 23.81
CA VAL D 30 11.60 -5.84 24.45
C VAL D 30 10.39 -6.71 23.99
N LYS D 31 10.66 -7.96 23.63
CA LYS D 31 9.60 -8.89 23.21
C LYS D 31 8.77 -9.33 24.37
N ILE D 32 7.47 -9.09 24.29
CA ILE D 32 6.56 -9.40 25.38
CA ILE D 32 6.58 -9.50 25.37
C ILE D 32 5.43 -10.24 24.76
N LYS D 33 4.99 -11.28 25.45
CA LYS D 33 3.90 -12.12 25.00
C LYS D 33 2.64 -11.69 25.72
N PHE D 34 1.66 -11.26 24.92
CA PHE D 34 0.39 -10.86 25.46
C PHE D 34 -0.68 -11.90 25.16
N MET D 35 -1.60 -12.06 26.10
CA MET D 35 -2.89 -12.62 25.81
C MET D 35 -3.86 -11.48 25.43
N VAL D 36 -4.58 -11.67 24.33
CA VAL D 36 -5.62 -10.72 23.90
C VAL D 36 -6.81 -10.85 24.85
N ASP D 37 -7.30 -9.72 25.35
CA ASP D 37 -8.48 -9.70 26.22
C ASP D 37 -9.37 -8.57 25.72
N THR D 38 -10.45 -8.90 24.99
CA THR D 38 -11.43 -7.93 24.46
C THR D 38 -12.23 -7.25 25.57
N GLY D 39 -12.25 -7.83 26.76
CA GLY D 39 -12.82 -7.21 27.94
C GLY D 39 -11.89 -6.19 28.59
N ALA D 40 -10.61 -6.13 28.24
CA ALA D 40 -9.69 -5.15 28.78
C ALA D 40 -9.77 -3.89 27.95
N SER D 41 -9.45 -2.77 28.55
CA SER D 41 -9.31 -1.53 27.80
C SER D 41 -7.80 -1.34 27.53
N ASP D 42 -7.07 -0.94 28.58
CA ASP D 42 -5.64 -0.66 28.45
C ASP D 42 -4.85 -1.97 28.64
N ILE D 43 -3.55 -1.87 28.52
CA ILE D 43 -2.65 -3.03 28.75
C ILE D 43 -2.46 -3.32 30.23
N ALA D 44 -2.47 -4.60 30.56
CA ALA D 44 -2.12 -5.03 31.92
C ALA D 44 -0.78 -5.77 31.83
N LEU D 45 0.26 -5.23 32.46
CA LEU D 45 1.53 -5.89 32.52
C LEU D 45 1.82 -6.65 33.77
N THR D 46 2.37 -7.84 33.64
CA THR D 46 2.81 -8.55 34.81
C THR D 46 4.01 -7.77 35.45
N LYS D 47 4.23 -7.95 36.74
CA LYS D 47 5.38 -7.29 37.39
C LYS D 47 6.66 -7.63 36.77
N GLU D 48 6.79 -8.90 36.37
CA GLU D 48 8.02 -9.34 35.75
C GLU D 48 8.25 -8.63 34.41
N ASP D 49 7.24 -8.58 33.56
CA ASP D 49 7.33 -7.77 32.32
C ASP D 49 7.65 -6.29 32.62
N ALA D 50 7.01 -5.69 33.62
CA ALA D 50 7.30 -4.30 33.96
C ALA D 50 8.81 -4.11 34.27
N GLN D 51 9.37 -5.04 35.03
CA GLN D 51 10.78 -4.96 35.42
C GLN D 51 11.66 -5.17 34.22
N LYS D 52 11.30 -6.07 33.32
CA LYS D 52 12.06 -6.18 32.06
C LYS D 52 12.13 -4.90 31.30
N LEU D 53 11.07 -4.12 31.42
N LEU D 53 11.09 -4.07 31.35
CA LEU D 53 10.97 -2.86 30.74
CA LEU D 53 11.11 -2.76 30.67
C LEU D 53 11.67 -1.74 31.49
C LEU D 53 11.78 -1.69 31.47
N GLY D 54 12.32 -2.07 32.62
CA GLY D 54 12.99 -1.06 33.40
C GLY D 54 12.14 -0.25 34.38
N PHE D 55 10.88 -0.62 34.60
CA PHE D 55 10.10 0.02 35.63
C PHE D 55 10.64 -0.35 37.00
N ASP D 56 10.75 0.65 37.84
CA ASP D 56 11.09 0.44 39.23
C ASP D 56 9.76 0.28 39.97
N LEU D 57 9.47 -0.95 40.36
CA LEU D 57 8.15 -1.24 40.98
C LEU D 57 7.96 -0.49 42.27
N THR D 58 9.06 -0.19 42.97
CA THR D 58 8.94 0.50 44.28
C THR D 58 8.54 1.98 44.11
N LYS D 59 8.77 2.56 42.93
CA LYS D 59 8.46 3.99 42.68
C LYS D 59 7.06 4.18 42.16
N LEU D 60 6.48 3.13 41.59
CA LEU D 60 5.12 3.27 41.05
C LEU D 60 4.16 3.53 42.20
N LYS D 61 3.11 4.29 41.95
CA LYS D 61 2.04 4.49 42.94
C LYS D 61 0.80 3.68 42.53
N TYR D 62 0.38 2.79 43.44
CA TYR D 62 -0.62 1.75 43.19
C TYR D 62 -2.02 2.03 43.82
N THR D 63 -2.93 2.58 43.02
CA THR D 63 -4.28 2.92 43.47
C THR D 63 -5.32 1.83 43.08
N ARG D 64 -6.63 2.08 43.19
CA ARG D 64 -7.60 0.93 43.16
C ARG D 64 -8.05 0.37 41.75
N THR D 65 -9.35 0.04 41.59
CA THR D 65 -9.93 -0.87 40.54
C THR D 65 -9.26 -2.25 40.51
N ASN D 73 -5.64 -6.23 44.11
CA ASN D 73 -6.68 -5.26 43.74
C ASN D 73 -6.10 -3.95 43.17
N LYS D 74 -5.01 -3.46 43.75
CA LYS D 74 -4.49 -2.14 43.35
C LYS D 74 -3.54 -2.24 42.16
N ALA D 75 -3.60 -1.24 41.27
CA ALA D 75 -2.69 -1.13 40.12
C ALA D 75 -2.06 0.27 40.02
N ALA D 76 -0.85 0.33 39.46
CA ALA D 76 -0.16 1.57 39.12
C ALA D 76 -0.35 1.83 37.63
N PRO D 77 -0.85 3.02 37.27
CA PRO D 77 -0.92 3.37 35.83
C PRO D 77 0.46 3.63 35.26
N ILE D 78 0.71 3.21 34.03
CA ILE D 78 1.95 3.50 33.35
C ILE D 78 1.65 3.88 31.93
N THR D 79 2.65 4.44 31.25
CA THR D 79 2.57 4.70 29.83
C THR D 79 3.73 4.02 29.13
N LEU D 80 3.44 3.31 28.06
CA LEU D 80 4.46 2.62 27.35
C LEU D 80 4.91 3.49 26.17
N ASN D 81 6.19 3.79 26.11
CA ASN D 81 6.69 4.68 25.03
C ASN D 81 6.43 4.13 23.65
N SER D 82 6.69 2.85 23.47
CA SER D 82 6.57 2.20 22.18
C SER D 82 6.00 0.78 22.34
N VAL D 83 4.98 0.49 21.56
CA VAL D 83 4.47 -0.87 21.34
C VAL D 83 4.45 -1.16 19.85
N VAL D 84 5.23 -2.12 19.39
CA VAL D 84 5.31 -2.51 18.01
C VAL D 84 4.68 -3.88 17.82
N ILE D 85 3.60 -3.87 17.04
CA ILE D 85 2.91 -5.09 16.55
C ILE D 85 2.63 -4.86 15.07
N GLY D 86 3.57 -5.27 14.20
CA GLY D 86 3.54 -4.81 12.81
C GLY D 86 3.98 -3.34 12.71
N LYS D 87 3.11 -2.43 13.13
CA LYS D 87 3.53 -1.05 13.17
C LYS D 87 3.77 -0.59 14.61
N GLU D 88 4.41 0.56 14.74
CA GLU D 88 4.72 1.15 16.03
C GLU D 88 3.64 2.06 16.54
N PHE D 89 3.15 1.82 17.75
CA PHE D 89 2.21 2.68 18.44
C PHE D 89 2.95 3.37 19.59
N LYS D 90 2.59 4.62 19.87
CA LYS D 90 3.33 5.41 20.83
C LYS D 90 2.51 5.79 22.04
N ASN D 91 3.16 5.84 23.21
CA ASN D 91 2.56 6.26 24.45
C ASN D 91 1.23 5.60 24.77
N ILE D 92 1.30 4.28 24.98
CA ILE D 92 0.13 3.45 25.10
C ILE D 92 -0.09 3.26 26.60
N LYS D 93 -1.34 3.36 27.02
CA LYS D 93 -1.74 3.25 28.41
C LYS D 93 -1.66 1.80 28.89
N GLY D 94 -1.22 1.64 30.13
CA GLY D 94 -1.19 0.35 30.77
C GLY D 94 -1.24 0.51 32.26
N HIS D 95 -1.24 -0.61 32.97
CA HIS D 95 -1.10 -0.56 34.39
C HIS D 95 -0.38 -1.81 34.84
N VAL D 96 0.16 -1.75 36.04
CA VAL D 96 0.81 -2.93 36.67
C VAL D 96 0.16 -3.19 38.01
N GLY D 97 -0.37 -4.41 38.21
CA GLY D 97 -1.06 -4.78 39.42
C GLY D 97 -0.25 -5.40 40.54
N LEU D 98 -0.64 -5.22 41.82
CA LEU D 98 0.20 -5.78 42.91
C LEU D 98 -0.10 -7.24 43.10
N GLY D 99 -1.33 -7.65 42.80
CA GLY D 99 -1.73 -9.05 42.74
C GLY D 99 -0.98 -9.77 41.64
N ASP D 100 -1.03 -11.11 41.64
CA ASP D 100 -0.35 -11.91 40.66
C ASP D 100 -1.15 -11.92 39.33
N LEU D 101 -0.49 -11.63 38.22
CA LEU D 101 -1.09 -11.72 36.85
C LEU D 101 -0.31 -12.78 36.12
N ASP D 102 -1.02 -13.77 35.57
CA ASP D 102 -0.36 -14.90 34.95
C ASP D 102 0.38 -14.51 33.68
N ILE D 103 -0.25 -13.65 32.83
CA ILE D 103 0.29 -13.24 31.53
C ILE D 103 -0.23 -11.88 31.20
N SER D 104 0.63 -11.05 30.58
CA SER D 104 0.26 -9.69 30.31
C SER D 104 -0.89 -9.71 29.35
N LEU D 105 -1.75 -8.69 29.45
CA LEU D 105 -2.95 -8.58 28.67
C LEU D 105 -2.96 -7.40 27.73
N LEU D 106 -3.37 -7.64 26.49
CA LEU D 106 -3.54 -6.60 25.49
C LEU D 106 -5.02 -6.37 25.30
N GLY D 107 -5.48 -5.14 25.43
CA GLY D 107 -6.90 -4.86 25.40
C GLY D 107 -7.34 -4.07 24.18
N MET D 108 -8.59 -3.66 24.22
CA MET D 108 -9.26 -3.00 23.09
C MET D 108 -8.71 -1.63 22.77
N SER D 109 -8.19 -0.90 23.76
CA SER D 109 -7.69 0.45 23.45
C SER D 109 -6.58 0.37 22.41
N LEU D 110 -5.70 -0.62 22.52
CA LEU D 110 -4.62 -0.76 21.51
C LEU D 110 -5.14 -1.39 20.22
N LEU D 111 -5.89 -2.47 20.37
CA LEU D 111 -6.43 -3.19 19.22
C LEU D 111 -7.24 -2.31 18.27
N GLU D 112 -8.04 -1.40 18.83
CA GLU D 112 -8.88 -0.49 18.07
C GLU D 112 -8.10 0.46 17.22
N ARG D 113 -6.84 0.68 17.52
CA ARG D 113 -6.03 1.61 16.75
C ARG D 113 -5.61 1.07 15.39
N PHE D 114 -5.67 -0.25 15.19
CA PHE D 114 -5.32 -0.80 13.88
C PHE D 114 -6.33 -0.38 12.83
N LYS D 115 -5.84 -0.16 11.59
CA LYS D 115 -6.74 0.15 10.48
C LYS D 115 -7.85 -0.90 10.39
N GLY D 116 -7.49 -2.17 10.60
CA GLY D 116 -8.44 -3.26 10.61
C GLY D 116 -8.19 -4.24 11.73
N PHE D 117 -9.27 -4.74 12.36
CA PHE D 117 -9.17 -5.69 13.47
C PHE D 117 -10.39 -6.58 13.37
N ARG D 118 -10.19 -7.89 13.22
CA ARG D 118 -11.33 -8.79 13.16
C ARG D 118 -11.00 -10.11 13.84
N ILE D 119 -11.94 -10.65 14.60
CA ILE D 119 -11.84 -12.02 15.10
C ILE D 119 -12.89 -12.81 14.38
N ASP D 120 -12.46 -13.78 13.58
CA ASP D 120 -13.36 -14.57 12.73
C ASP D 120 -13.17 -16.00 13.14
N LYS D 121 -14.06 -16.50 13.99
CA LYS D 121 -13.96 -17.85 14.58
C LYS D 121 -12.61 -18.05 15.24
N ASP D 122 -11.75 -18.78 14.57
CA ASP D 122 -10.48 -19.11 15.15
C ASP D 122 -9.27 -18.31 14.67
N LEU D 123 -9.53 -17.16 14.03
CA LEU D 123 -8.46 -16.28 13.55
C LEU D 123 -8.66 -14.89 14.03
N LEU D 124 -7.57 -14.25 14.38
CA LEU D 124 -7.54 -12.82 14.70
C LEU D 124 -6.69 -12.15 13.62
N ILE D 125 -7.25 -11.13 12.98
CA ILE D 125 -6.63 -10.52 11.82
C ILE D 125 -6.51 -9.05 12.05
N LEU D 126 -5.30 -8.57 11.96
CA LEU D 126 -4.96 -7.19 12.17
C LEU D 126 -4.34 -6.64 10.91
N ASN D 127 -4.86 -5.52 10.43
CA ASN D 127 -4.35 -4.86 9.23
C ASN D 127 -3.88 -3.45 9.60
N TYR D 128 -2.73 -3.05 9.05
CA TYR D 128 -2.13 -1.75 9.35
C TYR D 128 -1.43 -1.13 8.10
N ALA D 129 -1.20 0.18 8.16
CA ALA D 129 -0.38 0.91 7.18
C ALA D 129 0.50 1.89 7.94
N ALA D 130 1.80 1.84 7.69
CA ALA D 130 2.79 2.65 8.38
C ALA D 130 3.65 3.38 7.34
N ALA D 131 4.03 4.64 7.56
CA ALA D 131 5.08 5.23 6.72
C ALA D 131 6.37 4.45 6.86
N LEU D 132 7.18 4.41 5.79
CA LEU D 132 8.54 3.82 5.91
C LEU D 132 9.59 4.92 5.90
N GLU D 133 10.69 4.67 6.59
CA GLU D 133 11.87 5.55 6.53
C GLU D 133 12.63 5.30 5.26
CL CL E . 1.53 28.75 -12.10
CL CL F . -3.36 8.67 5.56
CL CL G . -8.17 19.17 12.02
CL CL H . -11.21 7.45 3.31
CL CL I . -0.93 -8.72 -7.30
NA NA J . -15.85 -31.20 -16.76
CL CL K . 3.88 8.42 -19.87
CL CL L . 5.65 -2.88 -9.20
CL CL M . 13.30 -6.51 -19.07
CL CL N . -2.87 1.31 10.86
CL CL O . -3.73 3.15 24.41
CL CL P . 2.19 -9.86 38.37
CL CL Q . 16.71 -1.08 24.01
NA NA R . 4.49 -11.58 40.71
NA NA S . 0.18 -8.06 38.64
#